data_2DWJ
#
_entry.id   2DWJ
#
_cell.length_a   63.670
_cell.length_b   50.430
_cell.length_c   65.950
_cell.angle_alpha   90.00
_cell.angle_beta   107.90
_cell.angle_gamma   90.00
#
_symmetry.space_group_name_H-M   'P 1 21 1'
#
loop_
_entity.id
_entity.type
_entity.pdbx_description
1 polymer Lactotransferrin
2 branched beta-D-galactopyranose-(1-6)-alpha-D-glucopyranose-(1-1)-beta-D-fructofuranose
3 branched beta-D-mannopyranose-(1-4)-2-acetamido-2-deoxy-beta-D-glucopyranose-(1-4)-2-acetamido-2-deoxy-beta-D-glucopyranose
4 branched beta-D-mannopyranose-(1-4)-alpha-D-mannopyranose-(1-4)-2-acetamido-2-deoxy-beta-D-glucopyranose-(1-4)-2-acetamido-2-deoxy-beta-D-glucopyranose
5 non-polymer 2-acetamido-2-deoxy-beta-D-glucopyranose
6 non-polymer 'ZINC ION'
7 non-polymer 'FE (III) ION'
8 non-polymer 'CARBONATE ION'
9 non-polymer 'SULFATE ION'
10 water water
#
_entity_poly.entity_id   1
_entity_poly.type   'polypeptide(L)'
_entity_poly.pdbx_seq_one_letter_code
;YTRVVWCAVGPEEQKKCQQWSQQSGQNVTCATASTTDDCIVLVLKGEADALNLDGGYIYTAGKCGLVPVLAENRKSSKHS
SLDCVLRPTEGYLAVAVVKKANEGLTWNSLKDKKSCHTAVDRTAGWNIPMGLIVNQTGSCAFDEFFSQSCAPGADPKSRL
CALCAGDDQGLDKCVPNSKEKYYGYTGAFRCLAEDVGDVAFVKNDTVWENTNGESTADWAKNLKREDFRLLCLDGTRKPV
TEAQSCHLAVAPNHAVVSRSDRAAHVEQVLLHQQALFGKNGKNCPDKFCLFKSETKNLLFNDNTECLAKLGGRPTYEEYL
GTEYVTAIANLKKCSTSPLLEACAF
;
_entity_poly.pdbx_strand_id   A
#
# COMPACT_ATOMS: atom_id res chain seq x y z
N TYR A 1 24.08 -13.79 7.38
CA TYR A 1 24.29 -14.81 6.30
C TYR A 1 22.95 -15.23 5.73
N THR A 2 22.58 -16.50 5.84
CA THR A 2 21.27 -16.88 5.31
C THR A 2 20.18 -16.37 6.26
N ARG A 3 20.62 -15.66 7.29
CA ARG A 3 19.74 -15.06 8.30
C ARG A 3 19.33 -13.67 7.84
N VAL A 4 18.02 -13.44 7.77
CA VAL A 4 17.49 -12.15 7.33
C VAL A 4 16.65 -11.49 8.42
N VAL A 5 16.90 -10.21 8.66
CA VAL A 5 16.13 -9.47 9.66
C VAL A 5 15.08 -8.66 8.91
N TRP A 6 13.81 -8.99 9.14
CA TRP A 6 12.70 -8.30 8.50
C TRP A 6 12.32 -7.12 9.37
N CYS A 7 11.87 -6.03 8.77
CA CYS A 7 11.46 -4.88 9.55
C CYS A 7 9.95 -4.81 9.55
N ALA A 8 9.37 -4.87 10.74
CA ALA A 8 7.92 -4.80 10.90
C ALA A 8 7.49 -3.39 11.28
N VAL A 9 6.40 -2.93 10.69
CA VAL A 9 5.86 -1.60 10.97
C VAL A 9 4.66 -1.73 11.90
N GLY A 10 4.83 -1.37 13.17
CA GLY A 10 3.73 -1.46 14.11
C GLY A 10 3.68 -2.80 14.84
N PRO A 11 2.96 -2.87 15.97
CA PRO A 11 2.83 -4.09 16.78
C PRO A 11 2.12 -5.28 16.12
N GLU A 12 1.17 -5.02 15.23
CA GLU A 12 0.46 -6.11 14.57
C GLU A 12 1.39 -6.81 13.57
N GLU A 13 2.22 -6.06 12.86
CA GLU A 13 3.13 -6.67 11.92
C GLU A 13 4.22 -7.40 12.71
N GLN A 14 4.56 -6.86 13.88
CA GLN A 14 5.56 -7.48 14.73
C GLN A 14 5.09 -8.88 15.12
N LYS A 15 3.82 -8.97 15.48
CA LYS A 15 3.22 -10.22 15.90
C LYS A 15 3.29 -11.24 14.76
N LYS A 16 2.86 -10.86 13.56
CA LYS A 16 2.90 -11.79 12.44
C LYS A 16 4.33 -12.16 12.13
N CYS A 17 5.25 -11.20 12.21
CA CYS A 17 6.65 -11.46 11.93
C CYS A 17 7.21 -12.48 12.91
N GLN A 18 6.83 -12.37 14.18
CA GLN A 18 7.32 -13.31 15.19
C GLN A 18 6.90 -14.74 14.88
N GLN A 19 5.69 -14.93 14.38
CA GLN A 19 5.23 -16.26 14.02
C GLN A 19 6.08 -16.78 12.87
N TRP A 20 6.28 -15.93 11.86
CA TRP A 20 7.07 -16.28 10.71
C TRP A 20 8.45 -16.66 11.19
N SER A 21 8.96 -15.91 12.16
CA SER A 21 10.29 -16.16 12.70
C SER A 21 10.34 -17.51 13.38
N GLN A 22 9.32 -17.79 14.20
CA GLN A 22 9.22 -19.04 14.93
C GLN A 22 9.20 -20.23 13.98
N GLN A 23 8.37 -20.16 12.96
CA GLN A 23 8.24 -21.23 11.99
C GLN A 23 9.41 -21.37 11.03
N SER A 24 10.22 -20.33 10.90
CA SER A 24 11.36 -20.37 9.98
C SER A 24 12.63 -20.95 10.62
N GLY A 25 12.56 -21.30 11.89
CA GLY A 25 13.73 -21.84 12.57
C GLY A 25 14.72 -20.72 12.77
N GLN A 26 14.20 -19.51 12.64
CA GLN A 26 15.05 -18.36 12.84
C GLN A 26 15.86 -17.97 11.65
N ASN A 27 15.43 -18.36 10.46
CA ASN A 27 16.18 -18.05 9.27
C ASN A 27 15.77 -16.62 8.98
N VAL A 28 14.60 -16.25 9.48
CA VAL A 28 14.11 -14.89 9.36
C VAL A 28 13.91 -14.40 10.79
N THR A 29 14.33 -13.18 11.04
CA THR A 29 14.21 -12.62 12.37
C THR A 29 13.56 -11.22 12.27
N CYS A 30 13.08 -10.66 13.38
CA CYS A 30 12.39 -9.36 13.33
C CYS A 30 12.93 -8.13 14.07
N ALA A 31 12.65 -6.98 13.47
CA ALA A 31 13.02 -5.68 14.02
C ALA A 31 11.71 -4.93 13.84
N THR A 32 11.39 -4.00 14.73
CA THR A 32 10.15 -3.27 14.62
C THR A 32 10.33 -1.77 14.72
N ALA A 33 9.55 -1.03 13.95
CA ALA A 33 9.62 0.42 13.98
C ALA A 33 8.18 0.93 13.95
N SER A 34 7.98 2.18 14.33
CA SER A 34 6.66 2.78 14.36
C SER A 34 6.19 3.23 12.99
N THR A 35 7.15 3.55 12.11
CA THR A 35 6.80 4.01 10.78
C THR A 35 7.65 3.34 9.72
N THR A 36 7.17 3.39 8.49
CA THR A 36 7.88 2.79 7.38
C THR A 36 9.21 3.52 7.23
N ASP A 37 9.17 4.85 7.37
CA ASP A 37 10.41 5.64 7.28
C ASP A 37 11.45 5.18 8.29
N ASP A 38 11.03 4.96 9.54
CA ASP A 38 11.96 4.46 10.53
C ASP A 38 12.49 3.10 10.11
N CYS A 39 11.66 2.32 9.42
CA CYS A 39 12.14 1.03 8.94
C CYS A 39 13.15 1.24 7.82
N ILE A 40 12.97 2.28 7.01
CA ILE A 40 13.91 2.55 5.93
C ILE A 40 15.26 2.81 6.59
N VAL A 41 15.22 3.60 7.67
CA VAL A 41 16.43 3.97 8.40
C VAL A 41 17.12 2.78 9.04
N LEU A 42 16.36 1.84 9.59
CA LEU A 42 17.00 0.68 10.20
C LEU A 42 17.74 -0.14 9.13
N VAL A 43 17.20 -0.17 7.91
CA VAL A 43 17.85 -0.92 6.83
C VAL A 43 19.18 -0.25 6.40
N LEU A 44 19.17 1.08 6.32
CA LEU A 44 20.37 1.83 5.94
C LEU A 44 21.48 1.63 6.95
N LYS A 45 21.10 1.58 8.22
CA LYS A 45 22.06 1.40 9.30
C LYS A 45 22.57 -0.03 9.32
N GLY A 46 21.81 -0.94 8.72
CA GLY A 46 22.21 -2.33 8.69
C GLY A 46 21.69 -3.10 9.88
N GLU A 47 20.65 -2.57 10.54
CA GLU A 47 20.06 -3.25 11.69
C GLU A 47 18.86 -4.11 11.29
N ALA A 48 18.44 -3.99 10.03
CA ALA A 48 17.35 -4.77 9.48
C ALA A 48 17.78 -4.95 8.01
N ASP A 49 17.28 -6.00 7.35
CA ASP A 49 17.64 -6.25 5.96
C ASP A 49 16.61 -5.86 4.92
N ALA A 50 15.35 -6.18 5.18
CA ALA A 50 14.31 -5.92 4.20
C ALA A 50 12.91 -5.68 4.73
N LEU A 51 12.04 -5.23 3.83
CA LEU A 51 10.64 -5.02 4.11
C LEU A 51 9.97 -4.80 2.77
N ASN A 52 8.67 -5.06 2.73
CA ASN A 52 7.87 -4.91 1.53
C ASN A 52 7.31 -3.48 1.55
N LEU A 53 7.50 -2.75 0.46
CA LEU A 53 7.05 -1.36 0.36
C LEU A 53 6.15 -0.97 -0.82
N ASP A 54 5.30 0.01 -0.55
CA ASP A 54 4.42 0.57 -1.57
C ASP A 54 5.38 1.40 -2.45
N GLY A 55 4.98 1.68 -3.69
CA GLY A 55 5.84 2.45 -4.59
C GLY A 55 6.31 3.80 -4.12
N GLY A 56 5.46 4.52 -3.40
CA GLY A 56 5.85 5.83 -2.91
C GLY A 56 7.06 5.78 -2.00
N TYR A 57 7.14 4.75 -1.17
CA TYR A 57 8.27 4.61 -0.26
C TYR A 57 9.45 3.99 -1.00
N ILE A 58 9.17 3.29 -2.10
CA ILE A 58 10.27 2.70 -2.87
C ILE A 58 11.06 3.85 -3.46
N TYR A 59 10.35 4.96 -3.68
CA TYR A 59 10.97 6.16 -4.23
C TYR A 59 11.88 6.83 -3.20
N THR A 60 11.38 6.91 -1.97
CA THR A 60 12.12 7.49 -0.84
C THR A 60 13.37 6.65 -0.61
N ALA A 61 13.16 5.34 -0.49
CA ALA A 61 14.20 4.36 -0.25
C ALA A 61 15.25 4.35 -1.37
N GLY A 62 14.79 4.52 -2.61
CA GLY A 62 15.70 4.49 -3.74
C GLY A 62 16.70 5.62 -3.75
N LYS A 63 16.26 6.80 -3.34
CA LYS A 63 17.12 7.98 -3.27
C LYS A 63 18.19 7.76 -2.22
N CYS A 64 17.90 6.87 -1.27
CA CYS A 64 18.86 6.59 -0.22
C CYS A 64 19.70 5.36 -0.54
N GLY A 65 19.57 4.84 -1.75
CA GLY A 65 20.37 3.70 -2.15
C GLY A 65 19.78 2.32 -1.99
N LEU A 66 18.53 2.19 -1.57
CA LEU A 66 17.95 0.85 -1.44
C LEU A 66 17.43 0.40 -2.81
N VAL A 67 17.42 -0.92 -3.05
CA VAL A 67 16.98 -1.46 -4.32
C VAL A 67 15.87 -2.51 -4.25
N PRO A 68 15.10 -2.64 -5.35
CA PRO A 68 13.99 -3.59 -5.56
C PRO A 68 14.61 -4.99 -5.64
N VAL A 69 14.02 -5.96 -4.96
CA VAL A 69 14.53 -7.31 -4.96
C VAL A 69 13.57 -8.30 -5.57
N LEU A 70 12.33 -8.27 -5.10
CA LEU A 70 11.26 -9.17 -5.59
C LEU A 70 9.99 -8.33 -5.45
N ALA A 71 9.01 -8.58 -6.32
CA ALA A 71 7.77 -7.83 -6.28
C ALA A 71 6.54 -8.69 -6.03
N GLU A 72 5.51 -8.10 -5.43
CA GLU A 72 4.28 -8.82 -5.16
C GLU A 72 3.64 -9.11 -6.51
N ASN A 73 3.12 -10.32 -6.65
CA ASN A 73 2.48 -10.73 -7.89
C ASN A 73 1.15 -11.36 -7.52
N ARG A 74 0.08 -10.83 -8.08
CA ARG A 74 -1.26 -11.35 -7.82
C ARG A 74 -1.72 -12.07 -9.08
N LYS A 75 -2.79 -12.86 -8.96
CA LYS A 75 -3.33 -13.61 -10.10
C LYS A 75 -3.75 -12.74 -11.29
N SER A 76 -3.39 -13.19 -12.50
CA SER A 76 -3.71 -12.47 -13.73
C SER A 76 -4.68 -13.30 -14.59
N SER A 77 -4.56 -13.15 -15.90
CA SER A 77 -5.38 -13.88 -16.86
C SER A 77 -4.58 -14.11 -18.14
N LYS A 78 -3.78 -13.12 -18.54
CA LYS A 78 -2.94 -13.26 -19.73
C LYS A 78 -1.60 -13.78 -19.18
N HIS A 79 -0.74 -14.30 -20.05
CA HIS A 79 0.56 -14.86 -19.62
C HIS A 79 0.35 -16.07 -18.70
N SER A 80 -0.52 -17.00 -19.13
CA SER A 80 -0.87 -18.20 -18.37
C SER A 80 0.21 -19.25 -18.10
N SER A 81 0.90 -19.71 -19.14
CA SER A 81 1.94 -20.74 -18.98
C SER A 81 3.03 -20.48 -17.95
N LEU A 82 3.55 -19.26 -17.91
CA LEU A 82 4.61 -18.86 -16.98
C LEU A 82 4.29 -19.10 -15.51
N ASP A 83 5.31 -19.50 -14.73
CA ASP A 83 5.11 -19.73 -13.31
C ASP A 83 5.00 -18.35 -12.66
N CYS A 84 4.37 -18.28 -11.50
CA CYS A 84 4.19 -17.00 -10.81
C CYS A 84 5.49 -16.24 -10.55
N VAL A 85 6.51 -16.93 -10.03
CA VAL A 85 7.77 -16.27 -9.73
C VAL A 85 8.46 -15.69 -10.97
N LEU A 86 8.13 -16.21 -12.15
CA LEU A 86 8.73 -15.72 -13.40
C LEU A 86 7.84 -14.76 -14.18
N ARG A 87 6.54 -14.79 -13.90
CA ARG A 87 5.58 -13.94 -14.59
C ARG A 87 5.76 -12.43 -14.30
N PRO A 88 5.61 -11.63 -15.35
CA PRO A 88 5.71 -10.10 -15.24
C PRO A 88 4.74 -9.44 -14.34
N THR A 89 5.06 -8.32 -13.75
CA THR A 89 4.06 -7.70 -12.89
C THR A 89 3.22 -6.72 -13.73
N GLU A 90 1.93 -6.71 -13.37
CA GLU A 90 0.84 -5.94 -14.00
C GLU A 90 0.59 -4.56 -13.41
N GLY A 91 0.73 -4.38 -12.09
CA GLY A 91 0.46 -3.10 -11.51
C GLY A 91 -1.02 -3.02 -11.14
N TYR A 92 -1.34 -2.26 -10.12
CA TYR A 92 -2.73 -2.17 -9.72
C TYR A 92 -3.33 -0.85 -10.14
N LEU A 93 -4.65 -0.78 -10.10
CA LEU A 93 -5.35 0.42 -10.51
C LEU A 93 -5.69 1.30 -9.32
N ALA A 94 -5.24 2.55 -9.37
CA ALA A 94 -5.53 3.50 -8.31
C ALA A 94 -6.91 4.07 -8.63
N VAL A 95 -7.83 3.99 -7.68
CA VAL A 95 -9.18 4.51 -7.90
C VAL A 95 -9.64 5.45 -6.81
N ALA A 96 -10.72 6.17 -7.09
CA ALA A 96 -11.34 7.09 -6.15
C ALA A 96 -12.75 6.52 -5.99
N VAL A 97 -13.09 6.13 -4.78
CA VAL A 97 -14.37 5.51 -4.48
C VAL A 97 -15.32 6.37 -3.64
N VAL A 98 -16.60 6.38 -4.03
CA VAL A 98 -17.63 7.13 -3.30
C VAL A 98 -18.84 6.24 -3.09
N LYS A 99 -19.79 6.71 -2.29
CA LYS A 99 -21.02 5.98 -2.03
C LYS A 99 -22.00 6.33 -3.14
N LYS A 100 -22.76 5.36 -3.62
CA LYS A 100 -23.73 5.63 -4.68
C LYS A 100 -24.78 6.63 -4.18
N ALA A 101 -25.19 6.48 -2.92
CA ALA A 101 -26.21 7.33 -2.31
C ALA A 101 -25.78 8.79 -2.25
N ASN A 102 -24.49 9.03 -2.42
CA ASN A 102 -23.93 10.37 -2.39
C ASN A 102 -23.96 10.88 -3.84
N GLU A 103 -25.16 11.18 -4.33
CA GLU A 103 -25.34 11.64 -5.71
C GLU A 103 -24.70 12.97 -6.03
N GLY A 104 -24.37 13.15 -7.32
CA GLY A 104 -23.77 14.39 -7.73
C GLY A 104 -22.36 14.66 -7.21
N LEU A 105 -21.74 13.66 -6.60
CA LEU A 105 -20.37 13.87 -6.13
C LEU A 105 -19.55 13.27 -7.26
N THR A 106 -18.76 14.12 -7.91
CA THR A 106 -17.91 13.67 -9.01
C THR A 106 -16.51 14.19 -8.81
N TRP A 107 -15.60 13.85 -9.72
CA TRP A 107 -14.23 14.32 -9.60
C TRP A 107 -14.19 15.84 -9.54
N ASN A 108 -15.08 16.47 -10.30
CA ASN A 108 -15.14 17.92 -10.36
C ASN A 108 -15.78 18.65 -9.19
N SER A 109 -16.19 17.93 -8.16
CA SER A 109 -16.79 18.60 -7.00
C SER A 109 -16.22 18.04 -5.70
N LEU A 110 -14.96 17.63 -5.74
CA LEU A 110 -14.30 17.09 -4.55
C LEU A 110 -13.86 18.16 -3.55
N LYS A 111 -13.67 19.39 -4.04
CA LYS A 111 -13.24 20.51 -3.19
C LYS A 111 -14.16 20.66 -1.97
N ASP A 112 -13.56 20.77 -0.78
CA ASP A 112 -14.27 20.93 0.48
C ASP A 112 -15.01 19.69 0.96
N LYS A 113 -14.72 18.54 0.36
CA LYS A 113 -15.37 17.32 0.78
C LYS A 113 -14.46 16.64 1.78
N LYS A 114 -14.86 15.48 2.29
CA LYS A 114 -14.04 14.77 3.26
C LYS A 114 -13.37 13.56 2.61
N SER A 115 -12.06 13.45 2.80
CA SER A 115 -11.32 12.36 2.18
C SER A 115 -10.64 11.36 3.09
N CYS A 116 -10.44 10.16 2.54
CA CYS A 116 -9.79 9.05 3.23
C CYS A 116 -8.61 8.57 2.38
N HIS A 117 -7.40 8.69 2.92
CA HIS A 117 -6.18 8.29 2.23
C HIS A 117 -5.51 7.15 2.98
N THR A 118 -4.81 6.26 2.26
CA THR A 118 -4.12 5.15 2.90
C THR A 118 -3.07 5.68 3.88
N ALA A 119 -2.27 6.64 3.42
CA ALA A 119 -1.22 7.25 4.25
C ALA A 119 -0.54 8.27 3.36
N VAL A 120 0.11 9.25 3.98
CA VAL A 120 0.84 10.27 3.24
C VAL A 120 1.98 9.52 2.56
N ASP A 121 2.35 9.97 1.36
CA ASP A 121 3.44 9.35 0.59
C ASP A 121 3.19 8.03 -0.12
N ARG A 122 2.00 7.47 0.02
CA ARG A 122 1.72 6.22 -0.67
C ARG A 122 1.14 6.48 -2.07
N THR A 123 1.27 5.52 -2.96
CA THR A 123 0.81 5.68 -4.34
C THR A 123 -0.67 5.99 -4.60
N ALA A 124 -1.54 5.04 -4.33
CA ALA A 124 -2.97 5.23 -4.55
C ALA A 124 -3.63 6.17 -3.55
N GLY A 125 -3.16 6.17 -2.31
CA GLY A 125 -3.78 6.99 -1.31
C GLY A 125 -3.32 8.43 -1.26
N TRP A 126 -2.18 8.73 -1.87
CA TRP A 126 -1.66 10.08 -1.81
C TRP A 126 -1.02 10.65 -3.07
N ASN A 127 0.12 10.08 -3.47
CA ASN A 127 0.85 10.58 -4.63
C ASN A 127 0.04 10.82 -5.89
N ILE A 128 -0.73 9.83 -6.31
CA ILE A 128 -1.52 9.97 -7.52
C ILE A 128 -2.65 11.01 -7.38
N PRO A 129 -3.59 10.81 -6.45
CA PRO A 129 -4.66 11.80 -6.33
C PRO A 129 -4.23 13.24 -6.01
N MET A 130 -3.29 13.40 -5.08
CA MET A 130 -2.83 14.75 -4.73
C MET A 130 -1.96 15.38 -5.82
N GLY A 131 -1.30 14.54 -6.61
CA GLY A 131 -0.48 15.05 -7.70
C GLY A 131 -1.42 15.57 -8.78
N LEU A 132 -2.53 14.87 -8.97
CA LEU A 132 -3.53 15.26 -9.94
C LEU A 132 -4.24 16.53 -9.50
N ILE A 133 -4.53 16.62 -8.21
CA ILE A 133 -5.21 17.79 -7.65
C ILE A 133 -4.34 19.04 -7.68
N VAL A 134 -3.05 18.89 -7.39
CA VAL A 134 -2.12 20.04 -7.42
C VAL A 134 -2.00 20.51 -8.88
N ASN A 135 -1.85 19.54 -9.77
CA ASN A 135 -1.72 19.71 -11.22
C ASN A 135 -2.91 20.59 -11.69
N GLN A 136 -4.13 20.11 -11.45
CA GLN A 136 -5.38 20.79 -11.83
C GLN A 136 -5.68 22.12 -11.14
N THR A 137 -5.22 22.25 -9.91
CA THR A 137 -5.44 23.44 -9.12
C THR A 137 -4.36 24.51 -9.32
N GLY A 138 -3.19 24.10 -9.77
CA GLY A 138 -2.12 25.06 -9.97
C GLY A 138 -1.75 25.70 -8.66
N SER A 139 -1.86 24.91 -7.58
CA SER A 139 -1.54 25.40 -6.24
C SER A 139 -1.10 24.29 -5.28
N CYS A 140 0.07 24.48 -4.67
CA CYS A 140 0.64 23.52 -3.72
C CYS A 140 -0.08 23.35 -2.38
N ALA A 141 -1.22 23.99 -2.20
CA ALA A 141 -1.95 23.87 -0.93
C ALA A 141 -2.93 22.72 -0.93
N PHE A 142 -2.41 21.50 -1.06
CA PHE A 142 -3.25 20.32 -1.06
C PHE A 142 -3.84 20.09 0.33
N ASP A 143 -3.30 20.80 1.32
CA ASP A 143 -3.74 20.68 2.70
C ASP A 143 -4.98 21.53 2.98
N GLU A 144 -5.44 22.26 1.97
CA GLU A 144 -6.62 23.11 2.11
C GLU A 144 -7.73 22.67 1.16
N PHE A 145 -7.42 21.76 0.25
CA PHE A 145 -8.39 21.26 -0.72
C PHE A 145 -9.60 20.57 -0.08
N PHE A 146 -9.36 19.54 0.73
CA PHE A 146 -10.46 18.84 1.38
C PHE A 146 -10.71 19.56 2.71
N SER A 147 -11.96 19.56 3.19
CA SER A 147 -12.24 20.24 4.44
C SER A 147 -11.64 19.47 5.62
N GLN A 148 -11.76 18.14 5.57
CA GLN A 148 -11.21 17.27 6.60
C GLN A 148 -10.83 15.95 5.95
N SER A 149 -9.84 15.28 6.52
CA SER A 149 -9.41 14.00 5.98
C SER A 149 -8.77 13.16 7.07
N CYS A 150 -8.40 11.95 6.66
CA CYS A 150 -7.62 11.08 7.51
C CYS A 150 -6.54 10.64 6.54
N ALA A 151 -5.36 11.22 6.74
CA ALA A 151 -4.20 10.91 5.93
C ALA A 151 -3.07 10.59 6.89
N PRO A 152 -3.00 9.33 7.34
CA PRO A 152 -1.97 8.89 8.29
C PRO A 152 -0.58 9.40 7.93
N GLY A 153 0.09 10.02 8.90
CA GLY A 153 1.42 10.55 8.64
C GLY A 153 1.47 12.07 8.54
N ALA A 154 0.32 12.72 8.56
CA ALA A 154 0.26 14.19 8.49
C ALA A 154 0.22 14.67 9.94
N ASP A 155 0.31 15.99 10.15
CA ASP A 155 0.28 16.56 11.49
C ASP A 155 -1.04 16.23 12.19
N PRO A 156 -0.99 15.54 13.35
CA PRO A 156 -2.22 15.20 14.07
C PRO A 156 -3.15 16.38 14.35
N LYS A 157 -2.58 17.57 14.46
CA LYS A 157 -3.37 18.78 14.72
C LYS A 157 -4.01 19.41 13.48
N SER A 158 -3.59 18.99 12.29
CA SER A 158 -4.10 19.54 11.03
C SER A 158 -5.42 18.92 10.57
N ARG A 159 -6.08 19.56 9.60
CA ARG A 159 -7.33 19.00 9.11
C ARG A 159 -7.10 17.69 8.34
N LEU A 160 -5.84 17.43 7.97
CA LEU A 160 -5.51 16.22 7.25
C LEU A 160 -5.59 14.98 8.15
N CYS A 161 -5.71 15.20 9.46
CA CYS A 161 -5.82 14.11 10.43
C CYS A 161 -7.11 14.13 11.24
N ALA A 162 -7.95 15.14 11.01
CA ALA A 162 -9.19 15.28 11.78
C ALA A 162 -10.12 14.07 11.75
N LEU A 163 -10.13 13.34 10.65
CA LEU A 163 -11.01 12.18 10.50
C LEU A 163 -10.44 10.87 11.03
N CYS A 164 -9.13 10.84 11.29
CA CYS A 164 -8.50 9.64 11.80
C CYS A 164 -8.95 9.37 13.25
N ALA A 165 -9.04 8.08 13.63
CA ALA A 165 -9.54 7.71 14.95
C ALA A 165 -8.58 7.06 15.95
N GLY A 166 -7.34 6.76 15.55
CA GLY A 166 -6.42 6.14 16.48
C GLY A 166 -6.78 4.69 16.76
N ASP A 167 -6.28 4.13 17.87
CA ASP A 167 -6.56 2.75 18.20
C ASP A 167 -7.82 2.64 19.07
N ASP A 168 -8.15 1.43 19.50
CA ASP A 168 -9.36 1.24 20.31
C ASP A 168 -9.41 2.07 21.59
N GLN A 169 -8.29 2.71 21.93
CA GLN A 169 -8.22 3.55 23.12
C GLN A 169 -8.19 5.03 22.76
N GLY A 170 -8.11 5.30 21.46
CA GLY A 170 -8.05 6.68 21.01
C GLY A 170 -6.63 7.18 20.94
N LEU A 171 -5.67 6.29 21.22
CA LEU A 171 -4.26 6.66 21.16
C LEU A 171 -3.70 6.47 19.74
N ASP A 172 -2.56 7.07 19.46
CA ASP A 172 -1.91 6.98 18.14
C ASP A 172 -2.73 7.45 16.96
N LYS A 173 -3.48 8.52 17.17
CA LYS A 173 -4.30 9.09 16.11
C LYS A 173 -3.44 9.57 14.95
N CYS A 174 -3.75 9.08 13.75
CA CYS A 174 -3.04 9.45 12.54
C CYS A 174 -1.65 8.85 12.35
N VAL A 175 -1.25 7.87 13.16
CA VAL A 175 0.07 7.28 12.94
C VAL A 175 -0.03 6.42 11.70
N PRO A 176 1.04 6.40 10.90
CA PRO A 176 1.04 5.59 9.69
C PRO A 176 1.44 4.12 9.88
N ASN A 177 0.63 3.41 10.65
CA ASN A 177 0.79 1.98 10.88
C ASN A 177 -0.60 1.46 11.25
N SER A 178 -0.80 0.15 11.18
CA SER A 178 -2.12 -0.41 11.43
C SER A 178 -2.78 -0.12 12.78
N LYS A 179 -2.08 0.53 13.70
CA LYS A 179 -2.72 0.84 14.97
C LYS A 179 -3.79 1.88 14.69
N GLU A 180 -3.58 2.68 13.65
CA GLU A 180 -4.57 3.68 13.26
C GLU A 180 -5.67 2.90 12.53
N LYS A 181 -6.88 3.06 13.04
CA LYS A 181 -8.06 2.40 12.52
C LYS A 181 -8.29 2.55 11.01
N TYR A 182 -8.09 3.76 10.50
CA TYR A 182 -8.30 4.03 9.09
C TYR A 182 -7.00 4.09 8.26
N TYR A 183 -6.00 3.31 8.68
CA TYR A 183 -4.71 3.28 7.97
C TYR A 183 -4.72 2.26 6.83
N GLY A 184 -3.93 2.54 5.79
CA GLY A 184 -3.84 1.63 4.66
C GLY A 184 -5.08 1.45 3.80
N TYR A 185 -4.99 0.52 2.85
CA TYR A 185 -6.09 0.24 1.94
C TYR A 185 -7.40 -0.07 2.65
N THR A 186 -7.35 -1.05 3.55
CA THR A 186 -8.53 -1.45 4.29
C THR A 186 -9.06 -0.33 5.19
N GLY A 187 -8.16 0.39 5.85
CA GLY A 187 -8.58 1.48 6.72
C GLY A 187 -9.25 2.61 5.97
N ALA A 188 -8.65 3.05 4.87
CA ALA A 188 -9.21 4.14 4.07
C ALA A 188 -10.58 3.74 3.53
N PHE A 189 -10.73 2.49 3.13
CA PHE A 189 -12.01 2.05 2.61
C PHE A 189 -13.05 1.98 3.73
N ARG A 190 -12.61 1.60 4.93
CA ARG A 190 -13.51 1.53 6.08
C ARG A 190 -13.98 2.92 6.45
N CYS A 191 -13.12 3.90 6.23
CA CYS A 191 -13.38 5.29 6.52
C CYS A 191 -14.52 5.80 5.64
N LEU A 192 -14.60 5.28 4.42
CA LEU A 192 -15.65 5.64 3.49
C LEU A 192 -16.90 4.82 3.82
N ALA A 193 -16.71 3.53 4.07
CA ALA A 193 -17.80 2.62 4.37
C ALA A 193 -18.61 3.05 5.59
N GLU A 194 -17.97 3.72 6.55
CA GLU A 194 -18.66 4.17 7.76
C GLU A 194 -19.11 5.63 7.62
N ASP A 195 -18.99 6.17 6.41
CA ASP A 195 -19.41 7.53 6.11
C ASP A 195 -18.68 8.59 6.88
N VAL A 196 -17.43 8.32 7.22
CA VAL A 196 -16.61 9.28 7.93
C VAL A 196 -16.09 10.22 6.83
N GLY A 197 -15.75 9.63 5.69
CA GLY A 197 -15.27 10.39 4.55
C GLY A 197 -16.23 10.31 3.39
N ASP A 198 -16.09 11.21 2.41
CA ASP A 198 -16.92 11.21 1.22
C ASP A 198 -16.27 10.40 0.10
N VAL A 199 -14.94 10.38 0.11
CA VAL A 199 -14.19 9.66 -0.89
C VAL A 199 -12.98 8.94 -0.30
N ALA A 200 -12.63 7.81 -0.90
CA ALA A 200 -11.49 7.03 -0.46
C ALA A 200 -10.61 6.81 -1.66
N PHE A 201 -9.31 7.01 -1.47
CA PHE A 201 -8.34 6.80 -2.53
C PHE A 201 -7.63 5.51 -2.20
N VAL A 202 -8.07 4.45 -2.88
CA VAL A 202 -7.53 3.12 -2.67
C VAL A 202 -7.35 2.46 -4.03
N LYS A 203 -6.99 1.18 -4.05
CA LYS A 203 -6.84 0.47 -5.31
C LYS A 203 -8.14 -0.31 -5.62
N ASN A 204 -8.31 -0.70 -6.88
CA ASN A 204 -9.48 -1.46 -7.35
C ASN A 204 -9.79 -2.69 -6.51
N ASP A 205 -8.76 -3.46 -6.22
CA ASP A 205 -8.89 -4.70 -5.44
C ASP A 205 -9.53 -4.55 -4.07
N THR A 206 -9.20 -3.47 -3.38
CA THR A 206 -9.73 -3.21 -2.04
C THR A 206 -11.26 -3.22 -1.99
N VAL A 207 -11.90 -2.68 -3.02
CA VAL A 207 -13.35 -2.64 -3.09
C VAL A 207 -13.93 -4.05 -3.17
N TRP A 208 -13.34 -4.90 -4.01
CA TRP A 208 -13.81 -6.27 -4.17
C TRP A 208 -13.55 -7.17 -2.97
N GLU A 209 -12.41 -6.99 -2.32
CA GLU A 209 -12.04 -7.81 -1.17
C GLU A 209 -12.85 -7.52 0.09
N ASN A 210 -13.50 -6.36 0.14
CA ASN A 210 -14.24 -6.02 1.34
C ASN A 210 -15.75 -5.85 1.19
N THR A 211 -16.28 -6.36 0.09
CA THR A 211 -17.72 -6.30 -0.20
C THR A 211 -18.30 -7.66 -0.57
N ASN A 212 -19.63 -7.73 -0.63
CA ASN A 212 -20.34 -8.95 -1.01
C ASN A 212 -19.95 -10.24 -0.31
N GLY A 213 -19.61 -10.17 0.99
CA GLY A 213 -19.26 -11.39 1.71
C GLY A 213 -17.79 -11.80 1.72
N GLU A 214 -16.97 -11.14 0.92
CA GLU A 214 -15.55 -11.48 0.86
C GLU A 214 -14.78 -11.23 2.17
N SER A 215 -15.25 -10.30 2.99
CA SER A 215 -14.53 -9.98 4.23
C SER A 215 -14.97 -10.64 5.54
N THR A 216 -16.24 -10.47 5.90
CA THR A 216 -16.82 -11.01 7.14
C THR A 216 -16.42 -10.21 8.36
N ALA A 217 -15.54 -9.22 8.16
CA ALA A 217 -15.15 -8.38 9.28
C ALA A 217 -16.46 -7.66 9.53
N ASP A 218 -16.77 -7.35 10.77
CA ASP A 218 -18.04 -6.70 11.11
C ASP A 218 -18.42 -5.39 10.41
N TRP A 219 -17.47 -4.54 10.07
CA TRP A 219 -17.81 -3.28 9.40
C TRP A 219 -18.06 -3.52 7.91
N ALA A 220 -17.56 -4.64 7.41
CA ALA A 220 -17.69 -4.98 5.99
C ALA A 220 -18.71 -6.08 5.67
N LYS A 221 -19.11 -6.83 6.71
CA LYS A 221 -20.09 -7.91 6.64
C LYS A 221 -21.18 -7.73 5.59
N ASN A 222 -21.84 -6.58 5.71
CA ASN A 222 -22.96 -6.19 4.87
C ASN A 222 -22.69 -5.20 3.75
N LEU A 223 -21.43 -4.98 3.38
CA LEU A 223 -21.18 -4.04 2.30
C LEU A 223 -21.44 -4.72 0.95
N LYS A 224 -22.04 -3.97 0.04
CA LYS A 224 -22.43 -4.47 -1.28
C LYS A 224 -21.78 -3.61 -2.39
N ARG A 225 -21.27 -4.27 -3.42
CA ARG A 225 -20.60 -3.58 -4.52
C ARG A 225 -21.44 -2.50 -5.19
N GLU A 226 -22.72 -2.76 -5.41
CA GLU A 226 -23.56 -1.77 -6.07
C GLU A 226 -23.74 -0.47 -5.27
N ASP A 227 -23.43 -0.49 -3.97
CA ASP A 227 -23.57 0.72 -3.18
C ASP A 227 -22.38 1.65 -3.34
N PHE A 228 -21.42 1.27 -4.17
CA PHE A 228 -20.23 2.07 -4.41
C PHE A 228 -20.05 2.49 -5.87
N ARG A 229 -19.35 3.60 -6.08
CA ARG A 229 -19.07 4.10 -7.43
C ARG A 229 -17.65 4.64 -7.51
N LEU A 230 -17.05 4.50 -8.68
CA LEU A 230 -15.69 4.99 -8.92
C LEU A 230 -15.80 6.35 -9.59
N LEU A 231 -14.94 7.27 -9.22
CA LEU A 231 -14.94 8.60 -9.83
C LEU A 231 -13.93 8.62 -10.97
N CYS A 232 -14.39 8.90 -12.19
CA CYS A 232 -13.47 8.95 -13.32
C CYS A 232 -13.03 10.38 -13.56
N LEU A 233 -11.83 10.53 -14.13
CA LEU A 233 -11.29 11.85 -14.40
C LEU A 233 -12.13 12.70 -15.36
N ASP A 234 -13.01 12.08 -16.14
CA ASP A 234 -13.84 12.86 -17.07
C ASP A 234 -15.12 13.43 -16.44
N GLY A 235 -15.19 13.43 -15.11
CA GLY A 235 -16.34 13.97 -14.41
C GLY A 235 -17.50 13.00 -14.31
N THR A 236 -17.26 11.77 -14.74
CA THR A 236 -18.29 10.73 -14.74
C THR A 236 -18.20 9.77 -13.54
N ARG A 237 -19.24 8.97 -13.33
CA ARG A 237 -19.31 8.00 -12.24
C ARG A 237 -19.61 6.62 -12.82
N LYS A 238 -18.84 5.61 -12.43
CA LYS A 238 -19.04 4.27 -12.95
C LYS A 238 -19.08 3.17 -11.91
N PRO A 239 -19.69 2.02 -12.25
CA PRO A 239 -19.75 0.90 -11.30
C PRO A 239 -18.32 0.39 -11.09
N VAL A 240 -18.08 -0.26 -9.96
CA VAL A 240 -16.75 -0.76 -9.66
C VAL A 240 -16.32 -1.89 -10.59
N THR A 241 -17.22 -2.33 -11.46
CA THR A 241 -16.89 -3.39 -12.44
C THR A 241 -16.15 -2.74 -13.60
N GLU A 242 -16.18 -1.41 -13.67
CA GLU A 242 -15.56 -0.68 -14.77
C GLU A 242 -14.16 -0.10 -14.53
N ALA A 243 -13.50 -0.54 -13.48
CA ALA A 243 -12.17 -0.05 -13.14
C ALA A 243 -11.17 0.09 -14.31
N GLN A 244 -11.29 -0.76 -15.32
CA GLN A 244 -10.36 -0.70 -16.46
C GLN A 244 -10.50 0.61 -17.25
N SER A 245 -11.68 1.23 -17.18
CA SER A 245 -11.92 2.48 -17.90
C SER A 245 -12.21 3.67 -16.98
N CYS A 246 -11.99 3.49 -15.68
CA CYS A 246 -12.24 4.56 -14.73
C CYS A 246 -11.29 4.52 -13.52
N HIS A 247 -9.99 4.68 -13.80
CA HIS A 247 -8.97 4.71 -12.74
C HIS A 247 -8.17 5.99 -12.87
N LEU A 248 -7.45 6.36 -11.81
CA LEU A 248 -6.65 7.58 -11.86
C LEU A 248 -5.29 7.30 -12.45
N ALA A 249 -4.86 6.03 -12.39
CA ALA A 249 -3.56 5.62 -12.94
C ALA A 249 -3.33 4.15 -12.58
N VAL A 250 -2.28 3.55 -13.13
CA VAL A 250 -1.96 2.18 -12.76
C VAL A 250 -0.65 2.32 -12.00
N ALA A 251 -0.61 1.67 -10.85
CA ALA A 251 0.53 1.74 -9.96
C ALA A 251 1.47 0.54 -10.01
N PRO A 252 2.77 0.78 -9.82
CA PRO A 252 3.70 -0.36 -9.84
C PRO A 252 3.47 -1.14 -8.54
N ASN A 253 3.51 -2.46 -8.62
CA ASN A 253 3.28 -3.29 -7.45
C ASN A 253 4.22 -3.02 -6.30
N HIS A 254 3.77 -3.41 -5.10
CA HIS A 254 4.60 -3.28 -3.92
C HIS A 254 5.75 -4.26 -4.11
N ALA A 255 6.90 -3.91 -3.53
CA ALA A 255 8.07 -4.72 -3.69
C ALA A 255 8.94 -4.72 -2.45
N VAL A 256 9.70 -5.80 -2.32
CA VAL A 256 10.63 -5.98 -1.22
C VAL A 256 11.90 -5.20 -1.60
N VAL A 257 12.40 -4.38 -0.68
CA VAL A 257 13.65 -3.63 -0.94
C VAL A 257 14.69 -3.96 0.12
N SER A 258 15.95 -3.68 -0.21
CA SER A 258 17.03 -3.94 0.72
C SER A 258 18.22 -3.13 0.24
N ARG A 259 19.27 -3.09 1.04
CA ARG A 259 20.48 -2.38 0.68
C ARG A 259 21.07 -3.24 -0.42
N SER A 260 21.58 -2.63 -1.50
CA SER A 260 22.12 -3.43 -2.60
C SER A 260 23.16 -4.47 -2.18
N ASP A 261 24.03 -4.14 -1.22
CA ASP A 261 25.04 -5.10 -0.81
C ASP A 261 24.42 -6.33 -0.16
N ARG A 262 23.13 -6.29 0.14
CA ARG A 262 22.44 -7.43 0.77
C ARG A 262 21.37 -8.09 -0.11
N ALA A 263 21.06 -7.47 -1.26
CA ALA A 263 20.04 -7.96 -2.17
C ALA A 263 20.09 -9.44 -2.55
N ALA A 264 21.23 -9.89 -3.05
CA ALA A 264 21.38 -11.28 -3.47
C ALA A 264 20.99 -12.24 -2.38
N HIS A 265 21.45 -11.96 -1.16
CA HIS A 265 21.12 -12.87 -0.08
C HIS A 265 19.66 -12.81 0.40
N VAL A 266 19.07 -11.62 0.41
CA VAL A 266 17.68 -11.50 0.82
C VAL A 266 16.84 -12.26 -0.19
N GLU A 267 17.21 -12.12 -1.46
CA GLU A 267 16.50 -12.78 -2.55
C GLU A 267 16.46 -14.29 -2.42
N GLN A 268 17.59 -14.92 -2.11
CA GLN A 268 17.61 -16.37 -1.99
C GLN A 268 16.86 -16.89 -0.76
N VAL A 269 16.93 -16.16 0.36
CA VAL A 269 16.22 -16.60 1.55
C VAL A 269 14.71 -16.53 1.30
N LEU A 270 14.24 -15.41 0.78
CA LEU A 270 12.82 -15.21 0.52
C LEU A 270 12.23 -16.22 -0.46
N LEU A 271 12.94 -16.54 -1.53
CA LEU A 271 12.43 -17.51 -2.49
C LEU A 271 12.20 -18.86 -1.80
N HIS A 272 13.07 -19.18 -0.83
CA HIS A 272 12.90 -20.43 -0.10
C HIS A 272 11.79 -20.30 0.92
N GLN A 273 11.65 -19.12 1.52
CA GLN A 273 10.60 -18.93 2.50
C GLN A 273 9.23 -19.05 1.85
N GLN A 274 9.10 -18.61 0.61
CA GLN A 274 7.79 -18.70 -0.02
C GLN A 274 7.50 -20.12 -0.51
N ALA A 275 8.55 -20.90 -0.74
CA ALA A 275 8.33 -22.28 -1.14
C ALA A 275 7.70 -23.00 0.04
N LEU A 276 8.05 -22.56 1.25
CA LEU A 276 7.56 -23.16 2.48
C LEU A 276 6.24 -22.58 2.99
N PHE A 277 6.09 -21.25 2.98
CA PHE A 277 4.89 -20.63 3.51
C PHE A 277 4.05 -19.87 2.48
N GLY A 278 4.39 -20.00 1.21
CA GLY A 278 3.64 -19.30 0.17
C GLY A 278 2.29 -19.92 -0.17
N LYS A 279 1.71 -19.50 -1.29
CA LYS A 279 0.40 -19.99 -1.74
C LYS A 279 0.21 -21.50 -1.77
N ASN A 280 1.15 -22.23 -2.38
CA ASN A 280 1.04 -23.69 -2.44
C ASN A 280 2.18 -24.28 -1.60
N GLY A 281 2.58 -23.52 -0.59
CA GLY A 281 3.67 -23.91 0.27
C GLY A 281 3.57 -25.18 1.09
N LYS A 282 4.73 -25.79 1.29
CA LYS A 282 4.87 -27.03 2.06
C LYS A 282 4.14 -26.96 3.41
N ASN A 283 4.13 -25.78 4.02
CA ASN A 283 3.51 -25.61 5.33
C ASN A 283 2.37 -24.61 5.46
N CYS A 284 1.74 -24.27 4.35
CA CYS A 284 0.61 -23.37 4.34
C CYS A 284 -0.51 -24.14 3.66
N PRO A 285 -1.71 -24.18 4.25
CA PRO A 285 -2.16 -23.58 5.52
C PRO A 285 -1.87 -24.34 6.82
N ASP A 286 -1.16 -25.44 6.75
CA ASP A 286 -0.88 -26.25 7.94
C ASP A 286 -0.27 -25.52 9.13
N LYS A 287 0.92 -24.95 8.94
CA LYS A 287 1.63 -24.29 10.03
C LYS A 287 1.66 -22.74 9.96
N PHE A 288 1.80 -22.17 8.77
CA PHE A 288 1.88 -20.72 8.63
C PHE A 288 1.84 -20.27 7.17
N CYS A 289 1.04 -19.25 6.90
CA CYS A 289 0.93 -18.72 5.56
C CYS A 289 1.42 -17.28 5.61
N LEU A 290 2.42 -17.00 4.77
CA LEU A 290 3.04 -15.68 4.67
C LEU A 290 2.09 -14.62 4.13
N PHE A 291 1.19 -15.01 3.23
CA PHE A 291 0.31 -14.03 2.63
C PHE A 291 -1.11 -13.96 3.19
N LYS A 292 -1.27 -14.36 4.44
CA LYS A 292 -2.57 -14.32 5.10
C LYS A 292 -2.46 -13.51 6.40
N SER A 293 -3.59 -12.92 6.80
CA SER A 293 -3.67 -12.09 8.02
C SER A 293 -5.07 -11.48 8.09
N GLU A 294 -6.02 -12.17 7.49
CA GLU A 294 -7.42 -11.76 7.46
C GLU A 294 -7.75 -10.30 7.11
N THR A 295 -7.52 -9.95 5.85
CA THR A 295 -7.85 -8.61 5.33
C THR A 295 -7.11 -7.39 5.92
N LYS A 296 -6.00 -7.64 6.61
CA LYS A 296 -5.25 -6.56 7.23
C LYS A 296 -3.98 -6.22 6.46
N ASN A 297 -3.64 -7.05 5.49
CA ASN A 297 -2.45 -6.85 4.67
C ASN A 297 -1.21 -6.57 5.52
N LEU A 298 -0.89 -7.50 6.42
CA LEU A 298 0.27 -7.37 7.28
C LEU A 298 1.52 -7.94 6.59
N LEU A 299 2.56 -7.13 6.53
CA LEU A 299 3.85 -7.46 5.88
C LEU A 299 3.74 -7.53 4.34
N PHE A 300 2.68 -8.19 3.87
CA PHE A 300 2.41 -8.34 2.43
C PHE A 300 0.90 -8.20 2.24
N ASN A 301 0.49 -7.84 1.03
CA ASN A 301 -0.94 -7.75 0.74
C ASN A 301 -1.51 -9.18 0.76
N ASP A 302 -2.71 -9.33 1.31
CA ASP A 302 -3.34 -10.64 1.38
C ASP A 302 -3.64 -11.29 0.02
N ASN A 303 -3.72 -10.49 -1.04
CA ASN A 303 -4.00 -11.07 -2.34
C ASN A 303 -2.75 -11.47 -3.11
N THR A 304 -1.60 -11.46 -2.44
CA THR A 304 -0.35 -11.83 -3.08
C THR A 304 -0.30 -13.32 -3.40
N GLU A 305 -0.08 -13.63 -4.66
CA GLU A 305 0.00 -15.01 -5.07
C GLU A 305 1.42 -15.49 -4.79
N CYS A 306 2.40 -14.63 -5.08
CA CYS A 306 3.80 -14.95 -4.85
C CYS A 306 4.65 -13.69 -5.02
N LEU A 307 5.93 -13.82 -4.67
CA LEU A 307 6.88 -12.74 -4.83
C LEU A 307 7.61 -13.12 -6.11
N ALA A 308 7.64 -12.21 -7.08
CA ALA A 308 8.25 -12.46 -8.37
C ALA A 308 9.61 -11.85 -8.58
N LYS A 309 10.40 -12.50 -9.42
CA LYS A 309 11.73 -12.01 -9.76
C LYS A 309 11.51 -10.86 -10.70
N LEU A 310 12.36 -9.85 -10.64
CA LEU A 310 12.22 -8.69 -11.50
C LEU A 310 12.99 -8.90 -12.78
N GLY A 311 12.36 -8.56 -13.90
CA GLY A 311 13.02 -8.71 -15.19
C GLY A 311 13.91 -7.56 -15.58
N GLY A 312 15.14 -7.87 -15.97
CA GLY A 312 16.08 -6.85 -16.40
C GLY A 312 16.78 -6.11 -15.26
N ARG A 313 16.98 -6.79 -14.13
CA ARG A 313 17.63 -6.19 -12.97
C ARG A 313 17.43 -4.68 -12.92
N PRO A 314 16.20 -4.23 -12.71
CA PRO A 314 15.87 -2.81 -12.65
C PRO A 314 16.34 -2.01 -11.45
N THR A 315 16.64 -0.73 -11.71
CA THR A 315 17.02 0.17 -10.64
C THR A 315 15.65 0.60 -10.15
N TYR A 316 15.61 1.37 -9.07
CA TYR A 316 14.32 1.78 -8.53
C TYR A 316 13.57 2.71 -9.49
N GLU A 317 14.30 3.49 -10.28
CA GLU A 317 13.66 4.40 -11.24
C GLU A 317 13.01 3.62 -12.37
N GLU A 318 13.68 2.56 -12.82
CA GLU A 318 13.15 1.72 -13.89
C GLU A 318 11.99 0.89 -13.38
N TYR A 319 12.13 0.47 -12.15
CA TYR A 319 11.07 -0.35 -11.61
C TYR A 319 9.80 0.46 -11.41
N LEU A 320 9.96 1.78 -11.18
CA LEU A 320 8.77 2.56 -10.79
C LEU A 320 8.26 3.10 -12.12
N GLY A 321 9.17 3.31 -13.07
CA GLY A 321 8.78 3.84 -14.37
C GLY A 321 8.90 5.36 -14.43
N THR A 322 9.30 5.89 -15.58
CA THR A 322 9.46 7.35 -15.72
C THR A 322 8.16 8.10 -15.51
N GLU A 323 7.06 7.52 -15.97
CA GLU A 323 5.74 8.14 -15.83
C GLU A 323 5.46 8.42 -14.35
N TYR A 324 5.55 7.39 -13.52
CA TYR A 324 5.29 7.54 -12.10
C TYR A 324 6.35 8.40 -11.40
N VAL A 325 7.61 8.24 -11.80
CA VAL A 325 8.71 8.97 -11.18
C VAL A 325 8.63 10.49 -11.33
N THR A 326 8.16 10.98 -12.47
CA THR A 326 8.08 12.43 -12.63
C THR A 326 6.84 12.97 -11.91
N ALA A 327 5.83 12.12 -11.74
CA ALA A 327 4.62 12.54 -11.04
C ALA A 327 5.00 12.90 -9.60
N ILE A 328 5.81 12.04 -8.97
CA ILE A 328 6.25 12.27 -7.60
C ILE A 328 7.18 13.46 -7.47
N ALA A 329 8.15 13.59 -8.38
CA ALA A 329 9.09 14.70 -8.34
C ALA A 329 8.31 16.00 -8.31
N ASN A 330 7.34 16.12 -9.22
CA ASN A 330 6.52 17.32 -9.32
C ASN A 330 5.69 17.62 -8.08
N LEU A 331 5.17 16.59 -7.41
CA LEU A 331 4.37 16.80 -6.21
C LEU A 331 5.25 17.18 -5.04
N LYS A 332 6.42 16.54 -4.94
CA LYS A 332 7.32 16.84 -3.85
C LYS A 332 7.96 18.21 -3.92
N LYS A 333 7.77 18.90 -5.05
CA LYS A 333 8.31 20.25 -5.20
C LYS A 333 7.47 21.18 -4.32
N CYS A 334 6.36 20.63 -3.84
CA CYS A 334 5.40 21.33 -2.99
C CYS A 334 5.66 21.07 -1.51
N SER A 335 6.26 19.92 -1.22
CA SER A 335 6.49 19.51 0.16
C SER A 335 7.95 19.60 0.56
N LEU A 340 16.95 17.89 -6.66
CA LEU A 340 16.40 16.57 -6.31
C LEU A 340 17.48 15.56 -5.88
N GLU A 341 18.74 15.99 -5.83
CA GLU A 341 19.84 15.13 -5.39
C GLU A 341 19.51 15.01 -3.89
N ALA A 342 18.83 13.95 -3.48
CA ALA A 342 18.32 13.84 -2.11
C ALA A 342 18.66 13.01 -0.87
N CYS A 343 17.82 12.00 -0.65
CA CYS A 343 17.76 11.08 0.50
C CYS A 343 17.38 11.96 1.68
N ALA A 344 16.17 11.70 2.19
CA ALA A 344 15.55 12.44 3.27
C ALA A 344 16.15 12.32 4.66
N PHE A 345 17.03 11.34 4.85
CA PHE A 345 17.64 11.13 6.17
C PHE A 345 19.15 11.25 6.03
#